data_6XUQ
#
_entry.id   6XUQ
#
_cell.length_a   53.090
_cell.length_b   93.850
_cell.length_c   235.660
_cell.angle_alpha   90.000
_cell.angle_beta   90.000
_cell.angle_gamma   90.000
#
_symmetry.space_group_name_H-M   'C 2 2 21'
#
loop_
_entity.id
_entity.type
_entity.pdbx_description
1 polymer "5'-nucleotidase"
2 non-polymer 'ZINC ION'
3 non-polymer 'CALCIUM ION'
4 non-polymer '[[(2~{R},3~{S},4~{R},5~{R})-5-[6-chloranyl-4-[[(1~{S})-1-(4-fluorophenyl)ethyl]amino]pyrazolo[3,4-b]pyridin-1-yl]-3,4-bis(oxidanyl)oxolan-2-yl]methoxy-oxidanyl-phosphoryl]methylphosphonic acid'
5 water water
#
_entity_poly.entity_id   1
_entity_poly.type   'polypeptide(L)'
_entity_poly.pdbx_seq_one_letter_code
;MEWSWVFLFFLSVTTGVHSWELTILHTNDVHSRLEQTSEDSSKCVDASRCMGGVARLFTKVQQIRRAEPNVLLLDAGDQY
QGTIWFTVYKGAEVAHFMNALRYDAMALGNHEFDNGVEGLIEPLLKEAKFPILSANIKAKGPLASQISGLYLPYKVLPVG
DEVVGIVGYTSKETPFLSNPGTNLVFEDEITALQPEVDKLKTLNVNKIIALGHSGFEMDKLIAQKVRGVDVVVGGHSNTF
LYTGNPPSKEVPAGKYPFIVTSDDGRKVPVVQAYAFGKYLGYLKIEFDERGNVISSHGNPILLDSSIPEDPSIKADINKW
RIKLDDYSTQELGKTIVYLDGSSQSCRFRECNMGNLICDAMINNNLRHTDEMFWNHVSMCILNGGGIRSPIDERNDGTIT
WENLAAVLPFGGTFDLVQLKGSTLKKAFEHSVHRYGQSTGEFLQVGGIHVVYDLSRKPGDRVVKLDVLCTKCRVPSYDPL
KMDEVYKVILPNFLANGGDGFQMIKDELLRHDSGDQDINVVSTYISKMKVIYPAVEGRIKFSGGGGAGGGGHHHHHH
;
_entity_poly.pdbx_strand_id   A
#
loop_
_chem_comp.id
_chem_comp.type
_chem_comp.name
_chem_comp.formula
CA non-polymer 'CALCIUM ION' 'Ca 2'
O1T non-polymer '[[(2~{R},3~{S},4~{R},5~{R})-5-[6-chloranyl-4-[[(1~{S})-1-(4-fluorophenyl)ethyl]amino]pyrazolo[3,4-b]pyridin-1-yl]-3,4-bis(oxidanyl)oxolan-2-yl]methoxy-oxidanyl-phosphoryl]methylphosphonic acid' 'C20 H24 Cl F N4 O9 P2'
ZN non-polymer 'ZINC ION' 'Zn 2'
#
# COMPACT_ATOMS: atom_id res chain seq x y z
N TRP A 20 29.36 -14.98 12.29
CA TRP A 20 29.27 -13.75 11.51
C TRP A 20 27.88 -13.16 11.63
N GLU A 21 27.82 -11.93 12.15
CA GLU A 21 26.60 -11.19 12.43
C GLU A 21 26.23 -10.22 11.32
N LEU A 22 24.95 -10.25 10.92
CA LEU A 22 24.39 -9.37 9.89
C LEU A 22 23.18 -8.59 10.40
N THR A 23 23.20 -7.27 10.22
CA THR A 23 22.10 -6.38 10.60
C THR A 23 21.32 -5.98 9.36
N ILE A 24 20.04 -6.40 9.30
CA ILE A 24 19.15 -6.05 8.20
C ILE A 24 18.28 -4.91 8.68
N LEU A 25 18.40 -3.78 8.01
CA LEU A 25 17.56 -2.60 8.22
C LEU A 25 16.64 -2.58 7.01
N HIS A 26 15.34 -2.55 7.24
CA HIS A 26 14.41 -2.64 6.13
C HIS A 26 13.18 -1.78 6.24
N THR A 27 12.79 -1.24 5.08
CA THR A 27 11.57 -0.47 4.94
C THR A 27 10.69 -1.16 3.89
N ASN A 28 9.37 -0.85 3.91
CA ASN A 28 8.41 -1.37 2.93
C ASN A 28 7.17 -0.49 2.93
N ASP A 29 6.61 -0.28 1.74
CA ASP A 29 5.37 0.49 1.55
C ASP A 29 5.47 1.91 2.11
N VAL A 30 6.62 2.58 1.83
CA VAL A 30 6.88 3.96 2.27
C VAL A 30 5.81 4.91 1.69
N HIS A 31 5.41 4.66 0.43
CA HIS A 31 4.33 5.35 -0.29
C HIS A 31 4.44 6.88 -0.30
N SER A 32 5.58 7.41 -0.80
CA SER A 32 5.87 8.83 -0.98
C SER A 32 5.85 9.65 0.31
N ARG A 33 6.02 9.00 1.47
CA ARG A 33 6.08 9.72 2.72
C ARG A 33 7.53 10.07 3.06
N LEU A 34 8.11 10.91 2.17
CA LEU A 34 9.48 11.41 2.20
C LEU A 34 9.68 12.38 3.33
N GLU A 35 8.63 13.14 3.64
CA GLU A 35 8.60 14.09 4.74
C GLU A 35 8.02 13.36 5.96
N GLN A 36 8.34 13.86 7.16
CA GLN A 36 7.77 13.35 8.42
C GLN A 36 6.25 13.58 8.37
N THR A 37 5.46 12.68 8.94
CA THR A 37 3.99 12.71 8.96
C THR A 37 3.44 12.78 10.39
N SER A 38 2.10 12.88 10.53
CA SER A 38 1.39 12.74 11.78
C SER A 38 1.42 11.20 12.07
N GLU A 39 1.02 10.75 13.26
CA GLU A 39 1.02 9.31 13.59
C GLU A 39 0.08 8.46 12.69
N ASP A 40 -0.94 9.09 12.05
CA ASP A 40 -1.88 8.41 11.14
C ASP A 40 -1.34 8.32 9.71
N SER A 41 -0.18 8.97 9.48
CA SER A 41 0.64 9.01 8.26
C SER A 41 0.22 10.09 7.24
N SER A 42 -0.75 10.96 7.62
CA SER A 42 -1.18 12.13 6.84
C SER A 42 -0.18 13.26 7.14
N LYS A 43 -0.32 14.45 6.49
CA LYS A 43 0.62 15.57 6.65
C LYS A 43 0.91 15.95 8.11
N CYS A 44 2.19 16.31 8.35
CA CYS A 44 2.70 16.73 9.66
C CYS A 44 2.11 18.09 10.02
N VAL A 45 1.24 18.11 11.04
CA VAL A 45 0.63 19.35 11.53
C VAL A 45 1.43 19.77 12.78
N ASP A 46 1.33 18.97 13.86
CA ASP A 46 2.03 19.18 15.13
C ASP A 46 3.45 18.55 15.09
N ALA A 47 4.43 19.32 14.56
CA ALA A 47 5.83 18.91 14.36
C ALA A 47 6.49 18.15 15.54
N SER A 48 6.21 18.58 16.79
CA SER A 48 6.74 17.97 18.03
C SER A 48 6.40 16.48 18.23
N ARG A 49 5.27 16.01 17.67
CA ARG A 49 4.83 14.62 17.77
C ARG A 49 4.84 13.93 16.39
N CYS A 50 5.55 14.52 15.43
CA CYS A 50 5.63 13.97 14.08
C CYS A 50 6.63 12.82 13.98
N MET A 51 6.36 11.91 13.03
CA MET A 51 7.08 10.65 12.81
C MET A 51 7.57 10.40 11.39
N GLY A 52 8.45 9.40 11.26
CA GLY A 52 9.05 8.95 10.00
C GLY A 52 9.71 9.99 9.15
N GLY A 53 9.62 9.83 7.85
CA GLY A 53 10.30 10.68 6.87
C GLY A 53 11.74 10.18 6.70
N VAL A 54 12.36 10.48 5.54
CA VAL A 54 13.72 10.03 5.21
C VAL A 54 14.80 10.71 6.08
N ALA A 55 14.56 11.97 6.57
CA ALA A 55 15.57 12.68 7.39
C ALA A 55 15.77 12.00 8.73
N ARG A 56 14.66 11.61 9.38
CA ARG A 56 14.65 10.89 10.65
C ARG A 56 15.26 9.49 10.42
N LEU A 57 14.80 8.80 9.35
CA LEU A 57 15.28 7.48 8.93
C LEU A 57 16.83 7.49 8.71
N PHE A 58 17.36 8.52 8.00
CA PHE A 58 18.79 8.68 7.78
C PHE A 58 19.56 8.74 9.11
N THR A 59 19.04 9.51 10.13
CA THR A 59 19.67 9.62 11.45
C THR A 59 19.79 8.24 12.13
N LYS A 60 18.70 7.46 12.20
CA LYS A 60 18.70 6.14 12.83
C LYS A 60 19.59 5.13 12.10
N VAL A 61 19.60 5.13 10.75
CA VAL A 61 20.42 4.24 9.92
C VAL A 61 21.92 4.49 10.20
N GLN A 62 22.33 5.77 10.15
CA GLN A 62 23.68 6.27 10.42
CA GLN A 62 23.71 6.18 10.41
C GLN A 62 24.14 5.79 11.81
N GLN A 63 23.21 5.83 12.79
CA GLN A 63 23.47 5.42 14.18
C GLN A 63 23.79 3.92 14.23
N ILE A 64 22.98 3.07 13.55
CA ILE A 64 23.20 1.62 13.48
C ILE A 64 24.48 1.31 12.69
N ARG A 65 24.75 2.07 11.63
CA ARG A 65 25.94 1.89 10.79
C ARG A 65 27.25 2.18 11.57
N ARG A 66 27.21 3.07 12.58
CA ARG A 66 28.36 3.36 13.45
C ARG A 66 28.55 2.18 14.44
N ALA A 67 27.42 1.69 15.01
CA ALA A 67 27.40 0.59 16.00
C ALA A 67 27.70 -0.81 15.46
N GLU A 68 27.27 -1.14 14.22
CA GLU A 68 27.42 -2.50 13.65
C GLU A 68 28.27 -2.54 12.38
N PRO A 69 29.20 -3.51 12.23
CA PRO A 69 30.01 -3.57 11.00
C PRO A 69 29.30 -4.10 9.74
N ASN A 70 28.37 -5.07 9.89
CA ASN A 70 27.71 -5.68 8.73
C ASN A 70 26.25 -5.27 8.61
N VAL A 71 26.01 -4.17 7.89
CA VAL A 71 24.68 -3.60 7.74
C VAL A 71 24.18 -3.63 6.30
N LEU A 72 22.92 -4.02 6.13
CA LEU A 72 22.21 -3.96 4.86
C LEU A 72 20.95 -3.12 5.02
N LEU A 73 20.82 -2.08 4.19
CA LEU A 73 19.62 -1.27 4.14
C LEU A 73 18.80 -1.73 2.90
N LEU A 74 17.64 -2.38 3.13
CA LEU A 74 16.79 -2.93 2.07
C LEU A 74 15.40 -2.32 2.02
N ASP A 75 14.83 -2.22 0.81
CA ASP A 75 13.46 -1.76 0.64
C ASP A 75 12.64 -2.85 -0.02
N ALA A 76 11.53 -3.26 0.61
CA ALA A 76 10.68 -4.33 0.07
C ALA A 76 9.55 -3.85 -0.89
N GLY A 77 9.72 -2.68 -1.50
CA GLY A 77 8.79 -2.14 -2.49
C GLY A 77 7.71 -1.19 -2.02
N ASP A 78 7.03 -0.57 -2.99
CA ASP A 78 5.92 0.38 -2.89
C ASP A 78 6.37 1.70 -2.28
N GLN A 79 7.47 2.23 -2.83
CA GLN A 79 8.03 3.54 -2.56
C GLN A 79 7.17 4.55 -3.34
N TYR A 80 6.78 4.15 -4.58
CA TYR A 80 5.89 4.87 -5.50
C TYR A 80 4.47 4.97 -4.95
N GLN A 81 3.79 6.10 -5.26
CA GLN A 81 2.39 6.45 -4.97
C GLN A 81 2.06 6.73 -3.50
N GLY A 82 1.34 7.82 -3.24
CA GLY A 82 0.92 8.11 -1.87
C GLY A 82 0.76 9.56 -1.53
N THR A 83 1.66 10.43 -2.00
CA THR A 83 1.57 11.87 -1.69
C THR A 83 1.90 12.69 -2.93
N ILE A 84 1.75 14.01 -2.80
CA ILE A 84 2.04 15.02 -3.82
C ILE A 84 3.50 14.94 -4.34
N TRP A 85 4.43 14.33 -3.55
CA TRP A 85 5.85 14.10 -3.91
C TRP A 85 5.93 13.23 -5.18
N PHE A 86 5.14 12.13 -5.22
CA PHE A 86 5.06 11.26 -6.38
C PHE A 86 4.25 11.88 -7.53
N THR A 87 3.15 12.59 -7.19
CA THR A 87 2.29 13.26 -8.18
C THR A 87 3.12 14.19 -9.11
N VAL A 88 4.04 14.95 -8.51
CA VAL A 88 4.88 15.95 -9.16
C VAL A 88 6.19 15.39 -9.72
N TYR A 89 7.02 14.76 -8.86
CA TYR A 89 8.34 14.26 -9.20
C TYR A 89 8.34 12.87 -9.90
N LYS A 90 7.21 12.14 -9.85
CA LYS A 90 6.96 10.85 -10.54
C LYS A 90 8.04 9.75 -10.33
N GLY A 91 8.69 9.75 -9.17
CA GLY A 91 9.68 8.75 -8.82
C GLY A 91 11.12 9.25 -8.77
N ALA A 92 11.40 10.47 -9.30
CA ALA A 92 12.76 11.05 -9.28
C ALA A 92 13.23 11.30 -7.85
N GLU A 93 12.26 11.56 -6.93
CA GLU A 93 12.42 11.76 -5.49
C GLU A 93 12.76 10.43 -4.81
N VAL A 94 12.14 9.32 -5.26
CA VAL A 94 12.41 7.95 -4.78
C VAL A 94 13.89 7.62 -5.03
N ALA A 95 14.36 7.71 -6.30
CA ALA A 95 15.74 7.46 -6.67
C ALA A 95 16.70 8.37 -5.89
N HIS A 96 16.42 9.70 -5.86
CA HIS A 96 17.27 10.70 -5.18
C HIS A 96 17.47 10.49 -3.68
N PHE A 97 16.36 10.41 -2.89
CA PHE A 97 16.42 10.26 -1.44
C PHE A 97 16.80 8.82 -1.00
N MET A 98 16.53 7.79 -1.84
CA MET A 98 16.96 6.40 -1.55
C MET A 98 18.47 6.25 -1.77
N ASN A 99 19.05 7.09 -2.66
CA ASN A 99 20.48 7.15 -2.95
C ASN A 99 21.17 7.92 -1.80
N ALA A 100 20.58 9.06 -1.37
CA ALA A 100 21.09 9.85 -0.25
C ALA A 100 21.11 9.05 1.07
N LEU A 101 20.15 8.11 1.22
CA LEU A 101 20.08 7.21 2.37
C LEU A 101 20.97 5.97 2.19
N ARG A 102 21.49 5.76 0.97
CA ARG A 102 22.40 4.67 0.60
C ARG A 102 21.78 3.29 0.79
N TYR A 103 20.56 3.10 0.24
CA TYR A 103 19.88 1.79 0.23
C TYR A 103 20.78 0.82 -0.56
N ASP A 104 20.87 -0.44 -0.11
CA ASP A 104 21.73 -1.48 -0.70
C ASP A 104 21.06 -2.24 -1.83
N ALA A 105 19.73 -2.45 -1.73
CA ALA A 105 18.92 -3.13 -2.73
C ALA A 105 17.44 -2.76 -2.50
N MET A 106 16.61 -2.99 -3.54
CA MET A 106 15.18 -2.76 -3.50
C MET A 106 14.46 -3.76 -4.37
N ALA A 107 13.40 -4.36 -3.83
CA ALA A 107 12.55 -5.24 -4.60
C ALA A 107 11.43 -4.40 -5.22
N LEU A 108 10.98 -4.80 -6.43
CA LEU A 108 9.91 -4.12 -7.14
C LEU A 108 8.55 -4.39 -6.51
N GLY A 109 7.79 -3.34 -6.27
CA GLY A 109 6.43 -3.44 -5.76
C GLY A 109 5.43 -3.18 -6.87
N ASN A 110 4.15 -3.44 -6.63
CA ASN A 110 3.11 -3.18 -7.64
C ASN A 110 2.94 -1.69 -7.97
N HIS A 111 3.10 -0.77 -6.99
CA HIS A 111 2.93 0.66 -7.26
C HIS A 111 4.05 1.25 -8.11
N GLU A 112 5.18 0.50 -8.27
CA GLU A 112 6.27 0.86 -9.15
C GLU A 112 5.84 0.81 -10.64
N PHE A 113 4.62 0.25 -10.93
CA PHE A 113 4.04 0.11 -12.28
C PHE A 113 2.82 1.01 -12.52
N ASP A 114 2.54 1.92 -11.57
CA ASP A 114 1.40 2.83 -11.62
C ASP A 114 1.45 3.78 -12.82
N ASN A 115 2.67 4.23 -13.19
CA ASN A 115 2.92 5.12 -14.33
C ASN A 115 3.45 4.31 -15.55
N GLY A 116 3.03 3.04 -15.62
CA GLY A 116 3.46 2.11 -16.67
C GLY A 116 4.91 1.72 -16.52
N VAL A 117 5.45 0.93 -17.48
CA VAL A 117 6.86 0.52 -17.46
C VAL A 117 7.80 1.70 -17.73
N GLU A 118 7.35 2.66 -18.57
CA GLU A 118 8.07 3.88 -18.95
C GLU A 118 8.38 4.74 -17.70
N GLY A 119 7.37 4.85 -16.81
CA GLY A 119 7.42 5.58 -15.55
C GLY A 119 8.20 4.93 -14.42
N LEU A 120 8.69 3.70 -14.67
CA LEU A 120 9.55 2.94 -13.77
C LEU A 120 10.99 3.01 -14.28
N ILE A 121 11.17 2.81 -15.61
CA ILE A 121 12.46 2.79 -16.33
C ILE A 121 13.21 4.14 -16.25
N GLU A 122 12.52 5.24 -16.61
CA GLU A 122 13.14 6.56 -16.69
C GLU A 122 13.44 7.24 -15.32
N PRO A 123 12.48 7.42 -14.38
CA PRO A 123 12.82 8.10 -13.11
C PRO A 123 13.45 7.24 -12.02
N LEU A 124 13.38 5.89 -12.13
CA LEU A 124 13.92 5.04 -11.06
C LEU A 124 14.98 4.05 -11.52
N LEU A 125 14.63 3.12 -12.44
CA LEU A 125 15.56 2.08 -12.90
C LEU A 125 16.88 2.65 -13.41
N LYS A 126 16.84 3.72 -14.21
CA LYS A 126 18.01 4.38 -14.77
C LYS A 126 18.73 5.33 -13.79
N GLU A 127 18.02 5.82 -12.74
CA GLU A 127 18.61 6.79 -11.80
C GLU A 127 19.16 6.20 -10.47
N ALA A 128 18.68 5.01 -10.04
CA ALA A 128 19.11 4.35 -8.79
C ALA A 128 20.56 3.90 -8.76
N LYS A 129 21.23 4.14 -7.62
CA LYS A 129 22.64 3.77 -7.38
C LYS A 129 22.73 2.43 -6.61
N PHE A 130 21.69 1.58 -6.75
CA PHE A 130 21.59 0.28 -6.06
C PHE A 130 20.82 -0.73 -6.89
N PRO A 131 21.08 -2.05 -6.77
CA PRO A 131 20.30 -3.02 -7.55
C PRO A 131 18.81 -3.00 -7.22
N ILE A 132 17.97 -3.11 -8.27
CA ILE A 132 16.52 -3.20 -8.18
C ILE A 132 16.14 -4.58 -8.68
N LEU A 133 15.50 -5.37 -7.82
CA LEU A 133 15.25 -6.78 -7.99
C LEU A 133 13.80 -7.28 -8.09
N SER A 134 13.64 -8.37 -8.90
CA SER A 134 12.45 -9.19 -9.12
C SER A 134 12.76 -10.37 -10.05
N ALA A 135 12.77 -11.58 -9.48
CA ALA A 135 13.06 -12.82 -10.20
C ALA A 135 11.85 -13.41 -10.95
N ASN A 136 10.63 -13.06 -10.52
CA ASN A 136 9.40 -13.57 -11.10
C ASN A 136 8.74 -12.62 -12.11
N ILE A 137 9.37 -11.48 -12.46
CA ILE A 137 8.84 -10.57 -13.49
C ILE A 137 9.61 -10.90 -14.76
N LYS A 138 8.91 -11.35 -15.82
CA LYS A 138 9.57 -11.69 -17.08
C LYS A 138 9.07 -10.82 -18.22
N ALA A 139 10.01 -10.22 -18.96
CA ALA A 139 9.67 -9.33 -20.06
C ALA A 139 9.52 -10.09 -21.39
N LYS A 140 8.52 -9.67 -22.18
CA LYS A 140 8.21 -10.26 -23.47
C LYS A 140 7.87 -9.19 -24.52
N GLY A 141 7.90 -9.60 -25.79
CA GLY A 141 7.57 -8.75 -26.94
C GLY A 141 8.59 -7.68 -27.24
N PRO A 142 8.11 -6.45 -27.63
CA PRO A 142 9.04 -5.36 -27.96
C PRO A 142 9.77 -4.77 -26.75
N LEU A 143 9.19 -4.93 -25.55
CA LEU A 143 9.70 -4.44 -24.27
C LEU A 143 10.92 -5.24 -23.75
N ALA A 144 10.99 -6.56 -24.06
CA ALA A 144 12.07 -7.46 -23.63
C ALA A 144 13.48 -6.87 -23.78
N SER A 145 13.78 -6.30 -24.97
CA SER A 145 15.08 -5.68 -25.29
C SER A 145 15.29 -4.36 -24.55
N GLN A 146 14.21 -3.60 -24.37
CA GLN A 146 14.20 -2.29 -23.71
C GLN A 146 14.50 -2.36 -22.21
N ILE A 147 13.83 -3.29 -21.46
CA ILE A 147 13.96 -3.41 -20.00
C ILE A 147 15.09 -4.35 -19.52
N SER A 148 15.72 -5.10 -20.46
CA SER A 148 16.79 -6.05 -20.14
C SER A 148 17.93 -5.38 -19.39
N GLY A 149 18.27 -5.91 -18.21
CA GLY A 149 19.36 -5.42 -17.37
C GLY A 149 19.05 -4.28 -16.42
N LEU A 150 17.91 -3.56 -16.64
CA LEU A 150 17.48 -2.41 -15.82
C LEU A 150 17.06 -2.82 -14.41
N TYR A 151 16.52 -4.05 -14.29
CA TYR A 151 16.18 -4.74 -13.05
C TYR A 151 16.81 -6.14 -13.10
N LEU A 152 17.12 -6.71 -11.92
CA LEU A 152 17.81 -8.00 -11.83
C LEU A 152 17.03 -9.08 -11.08
N PRO A 153 17.24 -10.40 -11.36
CA PRO A 153 16.52 -11.42 -10.55
C PRO A 153 17.13 -11.57 -9.15
N TYR A 154 18.43 -11.28 -9.04
CA TYR A 154 19.23 -11.36 -7.83
C TYR A 154 20.43 -10.43 -7.91
N LYS A 155 21.07 -10.21 -6.78
CA LYS A 155 22.31 -9.46 -6.66
C LYS A 155 23.13 -10.01 -5.51
N VAL A 156 24.41 -10.29 -5.80
CA VAL A 156 25.37 -10.75 -4.80
C VAL A 156 26.08 -9.50 -4.27
N LEU A 157 25.94 -9.25 -2.98
CA LEU A 157 26.52 -8.06 -2.39
C LEU A 157 27.64 -8.35 -1.38
N PRO A 158 28.83 -7.69 -1.52
CA PRO A 158 29.87 -7.87 -0.50
C PRO A 158 29.48 -7.15 0.79
N VAL A 159 29.60 -7.85 1.91
CA VAL A 159 29.29 -7.31 3.23
C VAL A 159 30.52 -7.63 4.07
N GLY A 160 31.45 -6.68 4.08
CA GLY A 160 32.75 -6.83 4.74
C GLY A 160 33.56 -7.87 4.01
N ASP A 161 33.91 -8.95 4.74
CA ASP A 161 34.69 -10.08 4.22
C ASP A 161 33.83 -11.22 3.73
N GLU A 162 32.50 -11.03 3.77
CA GLU A 162 31.57 -12.08 3.34
C GLU A 162 30.76 -11.64 2.14
N VAL A 163 29.96 -12.58 1.61
CA VAL A 163 29.11 -12.29 0.46
C VAL A 163 27.63 -12.68 0.79
N VAL A 164 26.69 -11.79 0.48
CA VAL A 164 25.25 -12.01 0.72
C VAL A 164 24.45 -11.88 -0.58
N GLY A 165 23.70 -12.93 -0.90
CA GLY A 165 22.84 -13.00 -2.08
C GLY A 165 21.45 -12.48 -1.76
N ILE A 166 20.94 -11.56 -2.60
CA ILE A 166 19.59 -10.99 -2.43
C ILE A 166 18.72 -11.29 -3.66
N VAL A 167 17.65 -12.08 -3.47
CA VAL A 167 16.70 -12.46 -4.54
C VAL A 167 15.43 -11.63 -4.40
N GLY A 168 14.91 -11.13 -5.51
CA GLY A 168 13.69 -10.32 -5.53
C GLY A 168 12.46 -11.04 -6.01
N TYR A 169 11.28 -10.52 -5.66
CA TYR A 169 9.97 -11.02 -6.12
C TYR A 169 8.92 -9.92 -6.02
N THR A 170 7.84 -10.03 -6.83
CA THR A 170 6.73 -9.08 -6.89
C THR A 170 5.40 -9.84 -6.98
N SER A 171 4.33 -9.30 -6.34
CA SER A 171 2.96 -9.86 -6.35
C SER A 171 2.53 -10.19 -7.77
N LYS A 172 1.97 -11.40 -7.99
CA LYS A 172 1.42 -11.85 -9.28
C LYS A 172 0.13 -11.05 -9.56
N GLU A 173 -0.42 -10.40 -8.51
CA GLU A 173 -1.62 -9.59 -8.54
C GLU A 173 -1.37 -8.22 -9.17
N THR A 174 -0.07 -7.84 -9.40
CA THR A 174 0.31 -6.55 -10.01
C THR A 174 -0.56 -6.18 -11.27
N PRO A 175 -0.81 -7.04 -12.31
CA PRO A 175 -1.65 -6.59 -13.44
C PRO A 175 -3.09 -6.20 -13.09
N PHE A 176 -3.67 -6.71 -11.98
CA PHE A 176 -5.03 -6.43 -11.49
C PHE A 176 -5.08 -5.26 -10.47
N LEU A 177 -3.89 -4.70 -10.14
CA LEU A 177 -3.69 -3.64 -9.16
C LEU A 177 -3.00 -2.42 -9.73
N SER A 178 -2.19 -2.58 -10.76
CA SER A 178 -1.40 -1.50 -11.32
C SER A 178 -1.55 -1.43 -12.85
N ASN A 179 -0.59 -0.77 -13.52
CA ASN A 179 -0.56 -0.64 -14.98
C ASN A 179 0.78 -1.16 -15.56
N PRO A 180 1.19 -2.44 -15.33
CA PRO A 180 2.47 -2.90 -15.92
C PRO A 180 2.46 -3.09 -17.44
N GLY A 181 1.27 -3.18 -18.05
CA GLY A 181 1.10 -3.34 -19.49
C GLY A 181 0.99 -4.78 -19.94
N THR A 182 0.98 -4.98 -21.26
CA THR A 182 0.80 -6.29 -21.89
C THR A 182 2.10 -7.10 -22.06
N ASN A 183 3.27 -6.44 -22.00
CA ASN A 183 4.56 -7.08 -22.24
C ASN A 183 5.34 -7.52 -21.00
N LEU A 184 4.64 -7.70 -19.86
CA LEU A 184 5.25 -8.19 -18.63
C LEU A 184 4.45 -9.35 -18.07
N VAL A 185 5.16 -10.47 -17.82
CA VAL A 185 4.55 -11.66 -17.24
C VAL A 185 4.99 -11.81 -15.77
N PHE A 186 4.01 -11.98 -14.89
CA PHE A 186 4.19 -12.15 -13.45
C PHE A 186 4.01 -13.64 -13.11
N GLU A 187 5.13 -14.38 -12.98
CA GLU A 187 5.10 -15.82 -12.68
C GLU A 187 4.91 -16.04 -11.19
N ASP A 188 4.56 -17.29 -10.78
CA ASP A 188 4.45 -17.67 -9.38
C ASP A 188 5.84 -17.45 -8.75
N GLU A 189 5.87 -16.80 -7.59
CA GLU A 189 7.07 -16.45 -6.85
C GLU A 189 7.94 -17.64 -6.52
N ILE A 190 7.38 -18.66 -5.86
CA ILE A 190 8.12 -19.87 -5.45
C ILE A 190 8.76 -20.59 -6.67
N THR A 191 8.00 -20.74 -7.79
CA THR A 191 8.48 -21.36 -9.04
C THR A 191 9.67 -20.59 -9.63
N ALA A 192 9.60 -19.26 -9.63
CA ALA A 192 10.62 -18.40 -10.19
C ALA A 192 11.84 -18.20 -9.28
N LEU A 193 11.64 -18.33 -7.95
CA LEU A 193 12.71 -18.13 -6.96
C LEU A 193 13.63 -19.31 -6.79
N GLN A 194 13.10 -20.56 -6.82
CA GLN A 194 13.94 -21.74 -6.65
C GLN A 194 15.14 -21.81 -7.65
N PRO A 195 15.01 -21.59 -8.99
CA PRO A 195 16.22 -21.66 -9.85
C PRO A 195 17.25 -20.57 -9.59
N GLU A 196 16.82 -19.42 -9.04
CA GLU A 196 17.73 -18.30 -8.72
C GLU A 196 18.56 -18.57 -7.45
N VAL A 197 17.91 -19.13 -6.42
CA VAL A 197 18.50 -19.50 -5.14
C VAL A 197 19.44 -20.70 -5.36
N ASP A 198 19.03 -21.67 -6.21
CA ASP A 198 19.81 -22.84 -6.64
C ASP A 198 21.09 -22.35 -7.34
N LYS A 199 20.94 -21.37 -8.28
CA LYS A 199 22.05 -20.74 -9.00
C LYS A 199 23.05 -20.10 -8.01
N LEU A 200 22.57 -19.42 -6.95
CA LEU A 200 23.38 -18.78 -5.90
C LEU A 200 24.13 -19.82 -5.06
N LYS A 201 23.47 -20.96 -4.75
CA LYS A 201 24.08 -22.05 -3.98
C LYS A 201 25.25 -22.67 -4.77
N THR A 202 25.13 -22.74 -6.12
CA THR A 202 26.19 -23.30 -6.98
C THR A 202 27.40 -22.37 -7.01
N LEU A 203 27.19 -21.03 -6.89
CA LEU A 203 28.27 -20.02 -6.87
C LEU A 203 28.87 -19.86 -5.47
N ASN A 204 28.52 -20.77 -4.55
CA ASN A 204 28.91 -20.79 -3.15
C ASN A 204 28.43 -19.54 -2.37
N VAL A 205 27.25 -19.01 -2.71
CA VAL A 205 26.68 -17.92 -1.93
C VAL A 205 25.82 -18.64 -0.89
N ASN A 206 26.34 -18.75 0.36
CA ASN A 206 25.69 -19.47 1.46
C ASN A 206 24.76 -18.60 2.34
N LYS A 207 24.69 -17.27 2.10
CA LYS A 207 23.84 -16.36 2.85
C LYS A 207 22.90 -15.70 1.86
N ILE A 208 21.60 -16.08 1.92
CA ILE A 208 20.57 -15.68 0.96
C ILE A 208 19.32 -15.04 1.59
N ILE A 209 19.06 -13.80 1.16
CA ILE A 209 17.88 -13.02 1.55
C ILE A 209 16.89 -12.98 0.38
N ALA A 210 15.61 -13.31 0.62
CA ALA A 210 14.53 -13.12 -0.33
C ALA A 210 13.89 -11.80 0.09
N LEU A 211 13.92 -10.84 -0.83
CA LEU A 211 13.40 -9.50 -0.61
C LEU A 211 12.31 -9.28 -1.65
N GLY A 212 11.07 -9.11 -1.20
CA GLY A 212 9.99 -8.92 -2.15
C GLY A 212 8.70 -8.32 -1.67
N HIS A 213 7.79 -8.13 -2.63
CA HIS A 213 6.53 -7.44 -2.46
C HIS A 213 5.30 -8.27 -2.83
N SER A 214 5.01 -9.30 -2.05
CA SER A 214 3.84 -10.17 -2.31
C SER A 214 2.87 -10.32 -1.12
N GLY A 215 3.24 -9.81 0.06
CA GLY A 215 2.41 -9.89 1.26
C GLY A 215 2.89 -11.00 2.18
N PHE A 216 2.55 -10.87 3.46
CA PHE A 216 2.96 -11.75 4.56
C PHE A 216 2.62 -13.24 4.34
N GLU A 217 1.44 -13.55 3.76
CA GLU A 217 1.04 -14.96 3.50
C GLU A 217 1.98 -15.62 2.49
N MET A 218 2.33 -14.88 1.42
CA MET A 218 3.30 -15.33 0.42
C MET A 218 4.72 -15.40 1.01
N ASP A 219 5.14 -14.39 1.81
CA ASP A 219 6.43 -14.33 2.51
C ASP A 219 6.66 -15.61 3.32
N LYS A 220 5.64 -16.06 4.07
CA LYS A 220 5.70 -17.29 4.87
C LYS A 220 5.83 -18.55 4.01
N LEU A 221 5.15 -18.60 2.83
CA LEU A 221 5.23 -19.75 1.93
C LEU A 221 6.60 -19.87 1.23
N ILE A 222 7.19 -18.72 0.84
CA ILE A 222 8.53 -18.62 0.25
C ILE A 222 9.55 -19.16 1.27
N ALA A 223 9.40 -18.75 2.56
CA ALA A 223 10.22 -19.18 3.70
C ALA A 223 10.12 -20.68 3.92
N GLN A 224 8.93 -21.24 3.67
CA GLN A 224 8.65 -22.66 3.83
C GLN A 224 9.19 -23.53 2.70
N LYS A 225 8.86 -23.16 1.44
CA LYS A 225 9.07 -23.94 0.21
C LYS A 225 10.33 -23.64 -0.59
N VAL A 226 10.88 -22.40 -0.55
CA VAL A 226 12.07 -22.10 -1.33
C VAL A 226 13.37 -22.46 -0.55
N ARG A 227 13.92 -23.68 -0.83
CA ARG A 227 15.15 -24.26 -0.25
C ARG A 227 16.34 -23.31 -0.48
N GLY A 228 17.06 -23.00 0.59
CA GLY A 228 18.22 -22.10 0.57
C GLY A 228 17.91 -20.68 1.01
N VAL A 229 16.63 -20.31 1.17
CA VAL A 229 16.32 -18.95 1.63
C VAL A 229 16.54 -18.85 3.16
N ASP A 230 17.45 -17.97 3.59
CA ASP A 230 17.79 -17.78 5.01
C ASP A 230 16.86 -16.84 5.75
N VAL A 231 16.38 -15.76 5.09
CA VAL A 231 15.52 -14.73 5.69
C VAL A 231 14.57 -14.20 4.61
N VAL A 232 13.32 -13.88 5.00
CA VAL A 232 12.31 -13.26 4.12
C VAL A 232 11.98 -11.83 4.64
N VAL A 233 12.33 -10.82 3.83
CA VAL A 233 12.08 -9.40 4.07
C VAL A 233 10.96 -9.06 3.07
N GLY A 234 9.75 -8.90 3.58
CA GLY A 234 8.55 -8.65 2.78
C GLY A 234 7.90 -7.29 2.92
N GLY A 235 6.77 -7.13 2.25
CA GLY A 235 5.94 -5.92 2.20
C GLY A 235 4.59 -6.26 1.63
N HIS A 236 3.87 -5.24 1.06
CA HIS A 236 2.57 -5.32 0.39
C HIS A 236 1.36 -5.36 1.34
N SER A 237 1.39 -6.22 2.37
CA SER A 237 0.29 -6.37 3.33
C SER A 237 0.37 -5.42 4.57
N ASN A 238 1.34 -4.45 4.57
CA ASN A 238 1.60 -3.48 5.66
C ASN A 238 1.63 -4.17 7.04
N THR A 239 2.20 -5.38 7.08
CA THR A 239 2.25 -6.21 8.28
C THR A 239 3.17 -5.63 9.33
N PHE A 240 2.61 -5.52 10.55
CA PHE A 240 3.33 -5.06 11.72
C PHE A 240 3.63 -6.27 12.60
N LEU A 241 4.89 -6.50 12.88
CA LEU A 241 5.32 -7.60 13.73
C LEU A 241 6.08 -7.01 14.92
N TYR A 242 5.88 -7.56 16.14
CA TYR A 242 6.56 -7.08 17.34
C TYR A 242 6.76 -8.15 18.41
N THR A 243 7.91 -8.07 19.10
CA THR A 243 8.23 -8.91 20.25
C THR A 243 8.24 -7.97 21.48
N GLY A 244 7.34 -8.24 22.42
CA GLY A 244 7.19 -7.42 23.63
C GLY A 244 6.01 -6.49 23.53
N ASN A 245 6.10 -5.31 24.19
CA ASN A 245 5.01 -4.34 24.15
C ASN A 245 5.18 -3.31 23.01
N PRO A 246 4.21 -3.26 22.04
CA PRO A 246 4.34 -2.33 20.91
C PRO A 246 4.43 -0.84 21.30
N PRO A 247 5.19 -0.01 20.56
CA PRO A 247 5.35 1.40 20.97
C PRO A 247 4.28 2.39 20.47
N SER A 248 3.33 1.97 19.62
CA SER A 248 2.31 2.88 19.08
C SER A 248 0.94 2.21 18.90
N LYS A 249 0.08 2.80 18.04
CA LYS A 249 -1.29 2.40 17.72
C LYS A 249 -1.36 1.05 17.00
N GLU A 250 -0.30 0.72 16.21
CA GLU A 250 -0.22 -0.52 15.45
C GLU A 250 -0.21 -1.74 16.36
N VAL A 251 -1.13 -2.66 16.04
CA VAL A 251 -1.35 -3.91 16.76
C VAL A 251 -0.55 -5.02 16.00
N PRO A 252 0.33 -5.75 16.72
CA PRO A 252 1.13 -6.79 16.06
C PRO A 252 0.29 -7.96 15.58
N ALA A 253 0.63 -8.49 14.39
CA ALA A 253 -0.05 -9.65 13.81
C ALA A 253 0.71 -10.93 14.18
N GLY A 254 1.89 -10.75 14.77
CA GLY A 254 2.78 -11.81 15.22
C GLY A 254 4.05 -11.25 15.84
N LYS A 255 4.94 -12.15 16.32
CA LYS A 255 6.21 -11.78 16.91
C LYS A 255 7.19 -11.34 15.80
N TYR A 256 8.19 -10.53 16.17
CA TYR A 256 9.28 -10.09 15.28
C TYR A 256 10.64 -10.68 15.71
N PRO A 257 11.32 -11.48 14.85
CA PRO A 257 10.84 -11.97 13.54
C PRO A 257 9.77 -13.07 13.67
N PHE A 258 8.98 -13.28 12.59
CA PHE A 258 8.00 -14.37 12.60
C PHE A 258 8.76 -15.58 12.12
N ILE A 259 8.70 -16.67 12.88
CA ILE A 259 9.46 -17.86 12.51
C ILE A 259 8.60 -18.87 11.75
N VAL A 260 9.12 -19.29 10.58
CA VAL A 260 8.57 -20.30 9.69
C VAL A 260 9.58 -21.48 9.68
N THR A 261 9.10 -22.70 9.94
CA THR A 261 9.92 -23.89 9.84
C THR A 261 9.76 -24.38 8.40
N SER A 262 10.88 -24.31 7.64
CA SER A 262 10.95 -24.70 6.25
C SER A 262 10.74 -26.20 6.09
N ASP A 263 10.30 -26.65 4.90
CA ASP A 263 10.08 -28.06 4.55
C ASP A 263 11.33 -28.91 4.84
N ASP A 264 12.55 -28.33 4.68
CA ASP A 264 13.81 -29.02 4.94
C ASP A 264 14.31 -28.85 6.42
N GLY A 265 13.46 -28.30 7.28
CA GLY A 265 13.71 -28.19 8.72
C GLY A 265 14.44 -26.97 9.29
N ARG A 266 14.63 -25.90 8.51
CA ARG A 266 15.31 -24.71 9.01
C ARG A 266 14.33 -23.67 9.59
N LYS A 267 14.79 -22.92 10.60
CA LYS A 267 14.01 -21.87 11.24
C LYS A 267 14.29 -20.60 10.44
N VAL A 268 13.30 -20.18 9.66
CA VAL A 268 13.43 -19.03 8.75
C VAL A 268 12.72 -17.79 9.31
N PRO A 269 13.50 -16.72 9.65
CA PRO A 269 12.86 -15.49 10.12
C PRO A 269 12.16 -14.76 8.95
N VAL A 270 10.93 -14.30 9.21
CA VAL A 270 10.08 -13.58 8.27
C VAL A 270 9.78 -12.22 8.91
N VAL A 271 10.13 -11.15 8.18
CA VAL A 271 10.02 -9.78 8.63
C VAL A 271 9.29 -8.88 7.64
N GLN A 272 8.68 -7.84 8.20
CA GLN A 272 7.95 -6.75 7.57
C GLN A 272 7.94 -5.61 8.58
N ALA A 273 7.84 -4.36 8.11
CA ALA A 273 7.87 -3.18 8.98
C ALA A 273 6.76 -2.18 8.66
N TYR A 274 5.48 -2.64 8.79
CA TYR A 274 4.22 -1.88 8.60
C TYR A 274 4.23 -1.15 7.22
N ALA A 275 4.13 0.20 7.21
CA ALA A 275 4.10 1.05 6.01
C ALA A 275 4.40 2.52 6.40
N PHE A 276 4.48 3.39 5.39
CA PHE A 276 4.57 4.84 5.47
C PHE A 276 5.85 5.42 6.13
N GLY A 277 6.87 4.58 6.31
CA GLY A 277 8.14 4.97 6.90
C GLY A 277 8.05 5.37 8.36
N LYS A 278 7.05 4.85 9.08
CA LYS A 278 6.79 5.09 10.49
C LYS A 278 7.79 4.30 11.33
N TYR A 279 8.10 3.08 10.88
CA TYR A 279 9.03 2.16 11.53
C TYR A 279 10.18 1.79 10.61
N LEU A 280 11.35 1.52 11.20
CA LEU A 280 12.50 0.98 10.51
C LEU A 280 12.74 -0.38 11.11
N GLY A 281 12.49 -1.40 10.31
CA GLY A 281 12.73 -2.80 10.64
C GLY A 281 14.19 -3.04 10.94
N TYR A 282 14.45 -3.83 11.96
CA TYR A 282 15.80 -4.10 12.46
C TYR A 282 15.89 -5.55 12.86
N LEU A 283 16.59 -6.32 12.06
CA LEU A 283 16.79 -7.71 12.38
C LEU A 283 18.27 -8.04 12.38
N LYS A 284 18.72 -8.62 13.48
CA LYS A 284 20.11 -9.03 13.69
C LYS A 284 20.16 -10.54 13.53
N ILE A 285 20.97 -11.04 12.56
CA ILE A 285 21.12 -12.48 12.30
C ILE A 285 22.52 -12.94 12.62
N GLU A 286 22.60 -14.08 13.32
CA GLU A 286 23.84 -14.77 13.65
C GLU A 286 24.03 -15.96 12.68
N PHE A 287 25.00 -15.87 11.76
CA PHE A 287 25.35 -16.93 10.82
C PHE A 287 26.62 -17.61 11.26
N ASP A 288 26.80 -18.87 10.85
CA ASP A 288 28.06 -19.57 11.05
C ASP A 288 28.85 -19.41 9.73
N GLU A 289 30.00 -20.08 9.59
CA GLU A 289 30.87 -20.03 8.41
C GLU A 289 30.22 -20.60 7.15
N ARG A 290 29.27 -21.54 7.33
CA ARG A 290 28.58 -22.18 6.21
C ARG A 290 27.22 -21.50 5.86
N GLY A 291 26.96 -20.33 6.43
CA GLY A 291 25.73 -19.57 6.20
C GLY A 291 24.47 -20.09 6.87
N ASN A 292 24.61 -20.95 7.89
CA ASN A 292 23.45 -21.47 8.62
C ASN A 292 23.06 -20.43 9.65
N VAL A 293 21.74 -20.18 9.78
CA VAL A 293 21.18 -19.23 10.75
C VAL A 293 21.14 -19.90 12.14
N ILE A 294 22.08 -19.46 13.02
CA ILE A 294 22.22 -19.91 14.41
C ILE A 294 21.10 -19.28 15.25
N SER A 295 20.93 -17.96 15.11
CA SER A 295 19.94 -17.18 15.82
C SER A 295 19.61 -15.90 15.05
N SER A 296 18.49 -15.28 15.43
CA SER A 296 17.96 -14.02 14.91
C SER A 296 17.06 -13.35 15.96
N HIS A 297 17.21 -12.02 16.10
CA HIS A 297 16.42 -11.21 17.02
C HIS A 297 16.33 -9.77 16.51
N GLY A 298 15.38 -9.03 17.06
CA GLY A 298 15.20 -7.63 16.73
C GLY A 298 13.79 -7.17 16.98
N ASN A 299 13.43 -6.04 16.36
CA ASN A 299 12.12 -5.40 16.40
C ASN A 299 12.08 -4.19 15.46
N PRO A 300 10.89 -3.74 14.95
CA PRO A 300 10.85 -2.49 14.18
C PRO A 300 11.10 -1.33 15.16
N ILE A 301 11.77 -0.28 14.70
CA ILE A 301 12.12 0.86 15.51
C ILE A 301 11.19 1.97 15.11
N LEU A 302 10.43 2.51 16.10
CA LEU A 302 9.48 3.58 15.84
C LEU A 302 10.21 4.86 15.59
N LEU A 303 10.07 5.40 14.38
CA LEU A 303 10.72 6.63 14.01
C LEU A 303 9.93 7.84 14.52
N ASP A 304 9.90 8.05 15.86
CA ASP A 304 9.21 9.19 16.46
C ASP A 304 10.17 10.38 16.67
N SER A 305 9.63 11.53 17.08
CA SER A 305 10.33 12.79 17.33
C SER A 305 11.52 12.69 18.32
N SER A 306 11.62 11.57 19.08
CA SER A 306 12.77 11.34 19.98
C SER A 306 14.08 11.20 19.16
N ILE A 307 13.95 10.73 17.89
CA ILE A 307 15.05 10.61 16.94
C ILE A 307 15.10 11.92 16.14
N PRO A 308 16.18 12.75 16.24
CA PRO A 308 16.18 14.00 15.45
C PRO A 308 16.27 13.73 13.94
N GLU A 309 15.66 14.59 13.11
CA GLU A 309 15.75 14.45 11.65
C GLU A 309 17.17 14.87 11.23
N ASP A 310 17.77 14.21 10.21
CA ASP A 310 19.12 14.61 9.76
C ASP A 310 19.08 16.02 9.14
N PRO A 311 19.94 16.97 9.58
CA PRO A 311 19.84 18.35 9.07
C PRO A 311 20.14 18.51 7.58
N SER A 312 21.09 17.71 7.05
CA SER A 312 21.50 17.73 5.65
C SER A 312 20.36 17.21 4.76
N ILE A 313 19.76 16.07 5.15
CA ILE A 313 18.62 15.48 4.42
C ILE A 313 17.41 16.41 4.44
N LYS A 314 17.09 17.02 5.63
CA LYS A 314 15.98 17.94 5.81
C LYS A 314 16.13 19.18 4.93
N ALA A 315 17.37 19.66 4.74
CA ALA A 315 17.69 20.82 3.91
C ALA A 315 17.36 20.53 2.44
N ASP A 316 17.68 19.30 1.98
CA ASP A 316 17.44 18.83 0.62
C ASP A 316 15.93 18.60 0.41
N ILE A 317 15.25 17.99 1.40
CA ILE A 317 13.79 17.77 1.41
C ILE A 317 13.07 19.13 1.24
N ASN A 318 13.55 20.16 1.99
CA ASN A 318 13.05 21.53 1.97
C ASN A 318 13.27 22.26 0.64
N LYS A 319 14.34 21.90 -0.10
CA LYS A 319 14.66 22.44 -1.43
C LYS A 319 13.60 21.92 -2.44
N TRP A 320 13.37 20.58 -2.42
CA TRP A 320 12.41 19.88 -3.29
C TRP A 320 10.97 20.27 -2.95
N ARG A 321 10.74 20.71 -1.70
CA ARG A 321 9.44 21.15 -1.20
C ARG A 321 8.88 22.35 -1.96
N ILE A 322 9.74 23.30 -2.40
CA ILE A 322 9.36 24.56 -3.06
C ILE A 322 8.34 24.36 -4.20
N LYS A 323 8.61 23.41 -5.13
CA LYS A 323 7.72 23.08 -6.25
C LYS A 323 6.34 22.60 -5.75
N LEU A 324 6.32 21.78 -4.67
CA LEU A 324 5.11 21.20 -4.06
C LEU A 324 4.23 22.21 -3.31
N ASP A 325 4.81 23.36 -2.85
CA ASP A 325 4.07 24.42 -2.12
C ASP A 325 2.93 25.06 -2.92
N ASP A 326 2.87 24.79 -4.25
CA ASP A 326 1.81 25.27 -5.14
C ASP A 326 0.51 24.48 -4.96
N TYR A 327 0.59 23.27 -4.36
CA TYR A 327 -0.56 22.39 -4.12
C TYR A 327 -1.15 22.54 -2.70
N SER A 328 -0.67 23.56 -1.96
CA SER A 328 -1.12 23.92 -0.62
C SER A 328 -1.48 25.42 -0.52
N THR A 329 -1.18 26.19 -1.61
CA THR A 329 -1.42 27.63 -1.80
C THR A 329 -2.92 27.98 -1.69
N GLN A 330 -3.78 27.13 -2.28
CA GLN A 330 -5.23 27.33 -2.31
C GLN A 330 -5.97 26.44 -1.32
N GLU A 331 -6.82 27.06 -0.51
CA GLU A 331 -7.68 26.37 0.45
C GLU A 331 -8.97 26.10 -0.32
N LEU A 332 -9.20 24.82 -0.67
CA LEU A 332 -10.37 24.39 -1.44
C LEU A 332 -11.66 24.45 -0.61
N GLY A 333 -11.50 24.32 0.70
CA GLY A 333 -12.56 24.34 1.69
C GLY A 333 -12.03 23.94 3.06
N LYS A 334 -12.94 23.75 4.02
CA LYS A 334 -12.58 23.38 5.40
C LYS A 334 -13.37 22.20 5.91
N THR A 335 -12.77 21.44 6.84
CA THR A 335 -13.40 20.33 7.56
C THR A 335 -13.41 20.65 9.06
N ILE A 336 -14.54 20.44 9.74
CA ILE A 336 -14.61 20.72 11.18
C ILE A 336 -14.54 19.40 11.96
N VAL A 337 -14.47 18.30 11.20
CA VAL A 337 -14.36 16.91 11.65
C VAL A 337 -13.07 16.26 11.15
N TYR A 338 -12.56 15.30 11.92
CA TYR A 338 -11.46 14.48 11.47
C TYR A 338 -12.02 13.60 10.30
N LEU A 339 -11.33 13.62 9.14
CA LEU A 339 -11.78 12.84 7.97
C LEU A 339 -11.03 11.53 8.04
N ASP A 340 -11.72 10.51 8.55
CA ASP A 340 -11.12 9.22 8.80
C ASP A 340 -11.07 8.37 7.54
N GLY A 341 -9.88 8.38 6.93
CA GLY A 341 -9.57 7.66 5.72
C GLY A 341 -8.53 6.58 5.96
N SER A 342 -8.44 6.11 7.22
CA SER A 342 -7.44 5.13 7.66
C SER A 342 -7.98 3.74 7.30
N SER A 343 -7.07 2.76 7.07
CA SER A 343 -7.41 1.39 6.69
C SER A 343 -8.08 0.60 7.83
N GLN A 344 -7.76 0.92 9.10
CA GLN A 344 -8.37 0.24 10.25
C GLN A 344 -9.87 0.60 10.43
N SER A 345 -10.30 1.69 9.79
CA SER A 345 -11.68 2.13 9.80
C SER A 345 -12.34 1.76 8.49
N CYS A 346 -11.79 2.25 7.35
CA CYS A 346 -12.37 2.09 6.01
C CYS A 346 -12.41 0.67 5.46
N ARG A 347 -11.60 -0.27 5.99
CA ARG A 347 -11.60 -1.68 5.55
C ARG A 347 -12.37 -2.59 6.53
N PHE A 348 -12.93 -2.00 7.58
CA PHE A 348 -13.61 -2.70 8.69
C PHE A 348 -15.03 -2.23 8.98
N ARG A 349 -15.32 -0.95 8.75
CA ARG A 349 -16.63 -0.40 9.06
C ARG A 349 -16.86 0.85 8.23
N GLU A 350 -18.05 1.47 8.43
CA GLU A 350 -18.38 2.76 7.84
C GLU A 350 -17.35 3.81 8.35
N CYS A 351 -16.75 4.53 7.43
CA CYS A 351 -15.79 5.59 7.77
C CYS A 351 -16.30 6.85 7.12
N ASN A 352 -16.15 8.01 7.78
CA ASN A 352 -16.75 9.25 7.26
C ASN A 352 -16.05 9.76 6.01
N MET A 353 -14.74 9.40 5.79
CA MET A 353 -14.07 9.75 4.52
C MET A 353 -14.80 9.07 3.35
N GLY A 354 -15.13 7.79 3.51
CA GLY A 354 -15.90 7.02 2.54
C GLY A 354 -17.27 7.62 2.23
N ASN A 355 -17.97 8.14 3.29
CA ASN A 355 -19.28 8.80 3.19
C ASN A 355 -19.14 10.09 2.42
N LEU A 356 -18.10 10.86 2.72
CA LEU A 356 -17.79 12.12 2.02
C LEU A 356 -17.60 11.89 0.50
N ILE A 357 -16.71 10.92 0.14
CA ILE A 357 -16.40 10.61 -1.26
C ILE A 357 -17.64 10.08 -1.95
N CYS A 358 -18.41 9.19 -1.29
CA CYS A 358 -19.65 8.72 -1.92
C CYS A 358 -20.70 9.83 -2.11
N ASP A 359 -20.71 10.84 -1.21
CA ASP A 359 -21.60 11.99 -1.30
C ASP A 359 -21.16 12.96 -2.40
N ALA A 360 -19.84 13.11 -2.60
CA ALA A 360 -19.23 13.92 -3.66
C ALA A 360 -19.59 13.27 -5.02
N MET A 361 -19.57 11.92 -5.07
CA MET A 361 -19.92 11.11 -6.25
C MET A 361 -21.38 11.31 -6.64
N ILE A 362 -22.34 11.05 -5.73
CA ILE A 362 -23.78 11.24 -5.99
C ILE A 362 -24.10 12.70 -6.41
N ASN A 363 -23.51 13.69 -5.71
CA ASN A 363 -23.71 15.11 -5.97
C ASN A 363 -23.24 15.54 -7.35
N ASN A 364 -22.06 15.03 -7.80
CA ASN A 364 -21.48 15.33 -9.11
C ASN A 364 -22.35 14.78 -10.26
N ASN A 365 -23.15 13.74 -10.00
CA ASN A 365 -24.01 13.13 -11.02
C ASN A 365 -25.51 13.55 -10.88
N LEU A 366 -25.80 14.58 -10.05
CA LEU A 366 -27.16 15.12 -9.83
C LEU A 366 -27.18 16.66 -9.85
N HIS A 376 -31.89 10.07 -12.61
CA HIS A 376 -31.42 10.04 -11.24
C HIS A 376 -30.44 8.84 -11.06
N VAL A 377 -29.52 9.02 -10.13
CA VAL A 377 -28.53 8.05 -9.64
C VAL A 377 -28.51 8.30 -8.14
N SER A 378 -29.00 7.33 -7.37
CA SER A 378 -29.11 7.46 -5.92
C SER A 378 -28.04 6.67 -5.15
N MET A 379 -27.44 5.67 -5.79
CA MET A 379 -26.51 4.75 -5.15
C MET A 379 -25.04 4.91 -5.55
N CYS A 380 -24.15 4.67 -4.55
CA CYS A 380 -22.68 4.74 -4.62
C CYS A 380 -22.06 3.59 -3.86
N ILE A 381 -21.00 3.00 -4.43
CA ILE A 381 -20.13 2.00 -3.81
C ILE A 381 -18.67 2.38 -4.07
N LEU A 382 -17.82 2.09 -3.09
CA LEU A 382 -16.45 2.54 -3.04
C LEU A 382 -15.62 1.62 -2.17
N ASN A 383 -14.66 0.93 -2.78
CA ASN A 383 -13.71 0.06 -2.06
C ASN A 383 -12.88 0.90 -1.09
N GLY A 384 -12.87 0.48 0.17
CA GLY A 384 -12.14 1.12 1.26
C GLY A 384 -10.65 1.26 1.02
N GLY A 385 -10.06 0.27 0.35
CA GLY A 385 -8.65 0.20 -0.03
C GLY A 385 -8.25 1.27 -1.02
N GLY A 386 -9.23 1.84 -1.72
CA GLY A 386 -9.02 2.94 -2.65
C GLY A 386 -8.81 4.27 -1.92
N ILE A 387 -9.18 4.33 -0.62
CA ILE A 387 -8.99 5.48 0.29
C ILE A 387 -7.63 5.30 0.96
N ARG A 388 -6.66 6.14 0.57
CA ARG A 388 -5.25 6.00 0.92
C ARG A 388 -4.71 6.87 2.07
N SER A 389 -5.55 7.76 2.63
CA SER A 389 -5.13 8.63 3.71
C SER A 389 -6.28 9.34 4.40
N PRO A 390 -6.13 9.58 5.72
CA PRO A 390 -7.08 10.45 6.42
C PRO A 390 -6.67 11.91 6.15
N ILE A 391 -7.50 12.87 6.59
CA ILE A 391 -7.24 14.31 6.59
C ILE A 391 -7.57 14.76 8.00
N ASP A 392 -6.65 15.53 8.60
CA ASP A 392 -6.79 16.07 9.94
C ASP A 392 -7.45 17.47 9.86
N GLU A 393 -8.39 17.73 10.77
CA GLU A 393 -9.12 19.00 10.88
C GLU A 393 -8.44 20.09 11.73
N ARG A 394 -7.36 19.75 12.48
CA ARG A 394 -6.76 20.68 13.44
C ARG A 394 -6.00 21.89 12.83
N ASN A 395 -5.49 21.78 11.57
CA ASN A 395 -4.77 22.87 10.87
C ASN A 395 -5.74 23.98 10.36
N ASP A 396 -6.70 24.41 11.21
CA ASP A 396 -7.77 25.39 10.92
C ASP A 396 -8.79 24.82 9.89
N GLY A 397 -8.90 23.49 9.86
CA GLY A 397 -9.79 22.73 8.98
C GLY A 397 -9.39 22.62 7.52
N THR A 398 -8.34 23.36 7.11
CA THR A 398 -7.83 23.51 5.75
C THR A 398 -7.65 22.20 4.99
N ILE A 399 -8.34 22.09 3.84
CA ILE A 399 -8.25 20.99 2.89
C ILE A 399 -7.61 21.65 1.67
N THR A 400 -6.52 21.06 1.18
CA THR A 400 -5.78 21.54 0.03
C THR A 400 -5.75 20.44 -1.01
N TRP A 401 -5.21 20.74 -2.20
CA TRP A 401 -5.03 19.77 -3.28
C TRP A 401 -4.03 18.69 -2.82
N GLU A 402 -3.06 19.06 -1.97
CA GLU A 402 -2.08 18.14 -1.40
C GLU A 402 -2.75 17.15 -0.42
N ASN A 403 -3.63 17.65 0.50
CA ASN A 403 -4.37 16.83 1.47
C ASN A 403 -5.16 15.76 0.70
N LEU A 404 -5.89 16.19 -0.36
CA LEU A 404 -6.70 15.35 -1.23
C LEU A 404 -5.89 14.34 -2.06
N ALA A 405 -4.67 14.74 -2.52
CA ALA A 405 -3.76 13.91 -3.30
C ALA A 405 -3.36 12.64 -2.57
N ALA A 406 -3.20 12.72 -1.24
CA ALA A 406 -2.87 11.55 -0.44
C ALA A 406 -4.09 10.61 -0.27
N VAL A 407 -5.33 11.16 -0.24
CA VAL A 407 -6.56 10.36 -0.07
C VAL A 407 -6.83 9.54 -1.36
N LEU A 408 -6.75 10.23 -2.51
CA LEU A 408 -7.00 9.69 -3.85
C LEU A 408 -5.79 9.90 -4.80
N PRO A 409 -4.73 9.04 -4.74
CA PRO A 409 -3.54 9.28 -5.59
C PRO A 409 -3.51 8.65 -6.99
N PHE A 410 -4.39 7.68 -7.28
CA PHE A 410 -4.44 6.85 -8.50
C PHE A 410 -4.89 7.55 -9.79
N GLY A 411 -5.57 8.69 -9.69
CA GLY A 411 -6.05 9.40 -10.87
C GLY A 411 -7.11 8.62 -11.64
N GLY A 412 -7.98 7.96 -10.88
CA GLY A 412 -9.08 7.17 -11.42
C GLY A 412 -10.28 8.03 -11.71
N THR A 413 -11.37 7.39 -12.11
CA THR A 413 -12.61 8.09 -12.43
C THR A 413 -13.77 7.45 -11.71
N PHE A 414 -14.80 8.23 -11.46
CA PHE A 414 -16.00 7.71 -10.84
C PHE A 414 -17.01 7.50 -11.95
N ASP A 415 -17.28 6.23 -12.24
CA ASP A 415 -18.13 5.79 -13.34
C ASP A 415 -19.56 5.41 -12.94
N LEU A 416 -20.46 5.47 -13.93
CA LEU A 416 -21.86 5.10 -13.80
C LEU A 416 -22.02 3.69 -14.41
N VAL A 417 -22.69 2.80 -13.66
CA VAL A 417 -22.91 1.41 -14.00
C VAL A 417 -24.38 1.01 -13.70
N GLN A 418 -24.90 0.02 -14.44
CA GLN A 418 -26.26 -0.48 -14.19
C GLN A 418 -26.18 -1.93 -13.75
N LEU A 419 -26.66 -2.22 -12.53
CA LEU A 419 -26.54 -3.57 -11.97
C LEU A 419 -27.86 -4.17 -11.52
N LYS A 420 -27.97 -5.50 -11.69
CA LYS A 420 -29.11 -6.30 -11.24
C LYS A 420 -29.09 -6.28 -9.71
N GLY A 421 -30.24 -6.44 -9.07
CA GLY A 421 -30.31 -6.47 -7.61
C GLY A 421 -29.44 -7.59 -7.06
N SER A 422 -29.49 -8.75 -7.76
CA SER A 422 -28.71 -9.96 -7.47
C SER A 422 -27.20 -9.74 -7.57
N THR A 423 -26.73 -8.92 -8.56
CA THR A 423 -25.31 -8.59 -8.75
C THR A 423 -24.80 -7.74 -7.57
N LEU A 424 -25.54 -6.66 -7.24
CA LEU A 424 -25.27 -5.75 -6.13
C LEU A 424 -25.29 -6.50 -4.81
N LYS A 425 -26.14 -7.54 -4.69
CA LYS A 425 -26.20 -8.37 -3.48
C LYS A 425 -24.91 -9.24 -3.37
N LYS A 426 -24.43 -9.81 -4.51
CA LYS A 426 -23.20 -10.60 -4.58
C LYS A 426 -21.98 -9.74 -4.29
N ALA A 427 -21.97 -8.47 -4.76
CA ALA A 427 -20.90 -7.51 -4.52
C ALA A 427 -20.78 -7.25 -3.00
N PHE A 428 -21.94 -7.08 -2.28
CA PHE A 428 -21.96 -6.84 -0.83
C PHE A 428 -21.57 -8.08 -0.02
N GLU A 429 -21.82 -9.29 -0.59
CA GLU A 429 -21.39 -10.55 0.02
C GLU A 429 -19.87 -10.68 -0.15
N HIS A 430 -19.36 -10.27 -1.34
CA HIS A 430 -17.94 -10.26 -1.65
C HIS A 430 -17.20 -9.27 -0.76
N SER A 431 -17.84 -8.13 -0.45
CA SER A 431 -17.31 -7.04 0.39
C SER A 431 -16.80 -7.54 1.77
N VAL A 432 -17.44 -8.57 2.33
CA VAL A 432 -17.19 -9.14 3.66
C VAL A 432 -16.87 -10.64 3.65
N HIS A 433 -16.62 -11.24 2.47
CA HIS A 433 -16.38 -12.69 2.32
C HIS A 433 -15.19 -13.22 3.14
N ARG A 434 -14.12 -12.42 3.27
CA ARG A 434 -12.92 -12.78 4.05
C ARG A 434 -12.65 -11.73 5.12
N TYR A 435 -13.74 -11.10 5.63
CA TYR A 435 -13.67 -10.05 6.64
C TYR A 435 -12.74 -10.38 7.82
N GLY A 436 -11.98 -9.36 8.25
CA GLY A 436 -11.07 -9.44 9.38
C GLY A 436 -9.59 -9.30 9.05
N GLN A 437 -9.26 -9.45 7.74
CA GLN A 437 -7.88 -9.41 7.23
C GLN A 437 -7.43 -8.07 6.63
N SER A 438 -8.10 -6.94 6.95
CA SER A 438 -7.75 -5.59 6.45
C SER A 438 -7.60 -5.53 4.91
N THR A 439 -8.51 -6.20 4.20
CA THR A 439 -8.53 -6.29 2.75
C THR A 439 -9.30 -5.09 2.15
N GLY A 440 -8.83 -4.67 0.98
CA GLY A 440 -9.32 -3.50 0.24
C GLY A 440 -10.75 -3.46 -0.24
N GLU A 441 -11.36 -4.63 -0.53
CA GLU A 441 -12.69 -4.80 -1.13
C GLU A 441 -13.89 -4.33 -0.27
N PHE A 442 -13.73 -4.18 1.06
CA PHE A 442 -14.79 -3.72 1.96
C PHE A 442 -15.34 -2.39 1.42
N LEU A 443 -16.64 -2.37 1.13
CA LEU A 443 -17.25 -1.22 0.49
C LEU A 443 -17.81 -0.17 1.42
N GLN A 444 -17.47 1.08 1.10
CA GLN A 444 -18.03 2.32 1.61
C GLN A 444 -19.24 2.64 0.69
N VAL A 445 -20.32 3.19 1.27
CA VAL A 445 -21.59 3.36 0.56
C VAL A 445 -22.19 4.78 0.61
N GLY A 446 -23.06 5.01 -0.36
CA GLY A 446 -23.87 6.19 -0.59
C GLY A 446 -25.24 5.77 -1.11
N GLY A 447 -26.28 6.23 -0.41
CA GLY A 447 -27.68 5.92 -0.72
C GLY A 447 -28.00 4.46 -0.52
N ILE A 448 -27.30 3.80 0.43
CA ILE A 448 -27.47 2.37 0.68
C ILE A 448 -27.34 2.12 2.16
N HIS A 449 -28.27 1.34 2.73
CA HIS A 449 -28.20 0.95 4.12
C HIS A 449 -28.05 -0.57 4.19
N VAL A 450 -26.84 -1.04 4.48
CA VAL A 450 -26.49 -2.46 4.55
C VAL A 450 -26.31 -2.94 6.01
N VAL A 451 -26.76 -4.18 6.29
CA VAL A 451 -26.59 -4.85 7.58
C VAL A 451 -25.96 -6.22 7.28
N TYR A 452 -24.81 -6.47 7.92
CA TYR A 452 -24.03 -7.70 7.82
C TYR A 452 -24.11 -8.48 9.13
N ASP A 453 -24.21 -9.81 9.03
CA ASP A 453 -24.13 -10.71 10.19
C ASP A 453 -22.90 -11.58 9.92
N LEU A 454 -21.75 -11.20 10.53
CA LEU A 454 -20.47 -11.89 10.33
C LEU A 454 -20.45 -13.35 10.82
N SER A 455 -21.38 -13.72 11.74
CA SER A 455 -21.53 -15.08 12.28
C SER A 455 -21.97 -16.11 11.22
N ARG A 456 -22.48 -15.63 10.07
CA ARG A 456 -22.96 -16.49 8.97
C ARG A 456 -21.85 -16.84 7.98
N LYS A 457 -22.11 -17.86 7.12
CA LYS A 457 -21.18 -18.37 6.11
C LYS A 457 -20.84 -17.30 5.05
N PRO A 458 -19.56 -17.20 4.59
CA PRO A 458 -19.22 -16.25 3.51
C PRO A 458 -20.13 -16.49 2.29
N GLY A 459 -20.70 -15.42 1.76
CA GLY A 459 -21.65 -15.48 0.65
C GLY A 459 -23.09 -15.42 1.10
N ASP A 460 -23.30 -15.46 2.44
CA ASP A 460 -24.61 -15.37 3.09
C ASP A 460 -24.57 -14.47 4.37
N ARG A 461 -23.72 -13.44 4.35
CA ARG A 461 -23.53 -12.49 5.45
C ARG A 461 -24.42 -11.22 5.39
N VAL A 462 -24.96 -10.85 4.21
CA VAL A 462 -25.86 -9.68 4.07
C VAL A 462 -27.22 -10.09 4.62
N VAL A 463 -27.66 -9.46 5.71
CA VAL A 463 -28.95 -9.79 6.32
C VAL A 463 -30.04 -8.74 5.99
N LYS A 464 -29.59 -7.54 5.55
CA LYS A 464 -30.47 -6.44 5.15
C LYS A 464 -29.75 -5.60 4.12
N LEU A 465 -30.47 -5.19 3.08
CA LEU A 465 -29.92 -4.35 2.02
C LEU A 465 -31.02 -3.43 1.53
N ASP A 466 -30.99 -2.19 2.03
CA ASP A 466 -31.98 -1.17 1.67
C ASP A 466 -31.35 -0.15 0.77
N VAL A 467 -32.10 0.26 -0.25
CA VAL A 467 -31.58 1.20 -1.23
C VAL A 467 -32.51 2.40 -1.40
N LEU A 468 -31.92 3.51 -1.80
CA LEU A 468 -32.61 4.75 -2.02
C LEU A 468 -33.26 4.72 -3.39
N CYS A 469 -34.57 4.96 -3.42
CA CYS A 469 -35.29 4.97 -4.67
C CYS A 469 -34.92 6.16 -5.57
N THR A 470 -34.98 5.92 -6.88
CA THR A 470 -34.77 6.92 -7.94
C THR A 470 -36.12 7.18 -8.57
N LYS A 471 -36.91 6.10 -8.80
CA LYS A 471 -38.24 6.09 -9.38
C LYS A 471 -39.31 6.41 -8.31
N CYS A 472 -39.20 7.62 -7.73
CA CYS A 472 -40.02 8.19 -6.64
C CYS A 472 -39.75 9.69 -6.63
N ARG A 473 -40.74 10.46 -6.20
CA ARG A 473 -40.64 11.92 -6.05
C ARG A 473 -39.98 12.26 -4.71
N VAL A 474 -40.31 11.49 -3.65
CA VAL A 474 -39.69 11.63 -2.33
C VAL A 474 -38.76 10.42 -2.20
N PRO A 475 -37.43 10.63 -2.23
CA PRO A 475 -36.51 9.50 -2.08
C PRO A 475 -36.55 8.94 -0.66
N SER A 476 -36.72 7.62 -0.58
CA SER A 476 -36.80 6.88 0.68
C SER A 476 -36.16 5.52 0.48
N TYR A 477 -35.90 4.82 1.57
CA TYR A 477 -35.21 3.53 1.56
C TYR A 477 -36.16 2.35 1.48
N ASP A 478 -35.87 1.42 0.56
CA ASP A 478 -36.69 0.23 0.36
C ASP A 478 -35.81 -0.99 0.19
N PRO A 479 -36.29 -2.20 0.58
CA PRO A 479 -35.46 -3.40 0.41
C PRO A 479 -35.13 -3.66 -1.05
N LEU A 480 -33.82 -3.80 -1.35
CA LEU A 480 -33.31 -4.07 -2.69
C LEU A 480 -34.00 -5.33 -3.27
N LYS A 481 -34.38 -5.27 -4.55
CA LYS A 481 -35.05 -6.38 -5.23
C LYS A 481 -34.08 -7.02 -6.22
N MET A 482 -33.96 -8.36 -6.16
CA MET A 482 -33.05 -9.13 -7.03
C MET A 482 -33.29 -8.94 -8.53
N ASP A 483 -34.57 -8.83 -8.94
CA ASP A 483 -35.04 -8.69 -10.34
C ASP A 483 -35.16 -7.23 -10.83
N GLU A 484 -34.60 -6.29 -10.06
CA GLU A 484 -34.60 -4.85 -10.36
C GLU A 484 -33.22 -4.49 -10.87
N VAL A 485 -33.10 -3.34 -11.57
CA VAL A 485 -31.81 -2.85 -12.07
C VAL A 485 -31.56 -1.45 -11.53
N TYR A 486 -30.35 -1.21 -10.97
CA TYR A 486 -29.97 0.05 -10.33
C TYR A 486 -28.79 0.72 -10.99
N LYS A 487 -28.75 2.06 -10.94
CA LYS A 487 -27.63 2.85 -11.42
C LYS A 487 -26.69 3.19 -10.23
N VAL A 488 -25.48 2.63 -10.26
CA VAL A 488 -24.46 2.79 -9.22
C VAL A 488 -23.29 3.61 -9.72
N ILE A 489 -22.82 4.54 -8.89
CA ILE A 489 -21.61 5.34 -9.10
C ILE A 489 -20.54 4.60 -8.27
N LEU A 490 -19.45 4.23 -8.93
CA LEU A 490 -18.33 3.48 -8.37
C LEU A 490 -17.01 3.85 -9.08
N PRO A 491 -15.80 3.61 -8.49
CA PRO A 491 -14.55 3.89 -9.25
C PRO A 491 -14.39 2.91 -10.41
N ASN A 492 -13.72 3.36 -11.50
CA ASN A 492 -13.45 2.52 -12.71
C ASN A 492 -12.81 1.18 -12.34
N PHE A 493 -11.95 1.16 -11.27
CA PHE A 493 -11.28 -0.01 -10.69
C PHE A 493 -12.28 -1.16 -10.43
N LEU A 494 -13.44 -0.85 -9.78
CA LEU A 494 -14.51 -1.81 -9.48
C LEU A 494 -15.33 -2.17 -10.73
N ALA A 495 -15.55 -1.18 -11.62
CA ALA A 495 -16.26 -1.40 -12.88
C ALA A 495 -15.47 -2.40 -13.77
N ASN A 496 -14.12 -2.42 -13.66
CA ASN A 496 -13.24 -3.36 -14.37
C ASN A 496 -12.91 -4.62 -13.53
N GLY A 497 -13.77 -4.95 -12.56
CA GLY A 497 -13.61 -6.14 -11.73
C GLY A 497 -12.49 -6.19 -10.71
N GLY A 498 -11.89 -5.04 -10.38
CA GLY A 498 -10.84 -4.92 -9.39
C GLY A 498 -11.30 -5.38 -8.02
N ASP A 499 -10.35 -5.82 -7.18
CA ASP A 499 -10.58 -6.36 -5.82
C ASP A 499 -11.40 -7.66 -5.80
N GLY A 500 -11.37 -8.40 -6.90
CA GLY A 500 -12.07 -9.66 -7.07
C GLY A 500 -13.56 -9.50 -7.29
N PHE A 501 -14.00 -8.31 -7.76
CA PHE A 501 -15.41 -8.00 -8.05
C PHE A 501 -15.75 -8.38 -9.50
N GLN A 502 -15.46 -9.65 -9.85
CA GLN A 502 -15.71 -10.24 -11.17
C GLN A 502 -17.19 -10.14 -11.56
N MET A 503 -18.13 -10.28 -10.56
CA MET A 503 -19.58 -10.15 -10.82
C MET A 503 -19.95 -8.79 -11.41
N ILE A 504 -19.31 -7.69 -10.96
CA ILE A 504 -19.57 -6.35 -11.51
C ILE A 504 -19.11 -6.33 -12.97
N LYS A 505 -17.85 -6.77 -13.24
CA LYS A 505 -17.24 -6.84 -14.58
C LYS A 505 -18.11 -7.67 -15.55
N ASP A 506 -18.39 -8.93 -15.17
CA ASP A 506 -19.17 -9.90 -15.96
C ASP A 506 -20.66 -9.59 -16.11
N GLU A 507 -21.32 -9.07 -15.04
CA GLU A 507 -22.78 -8.88 -15.08
C GLU A 507 -23.30 -7.44 -15.29
N LEU A 508 -22.43 -6.40 -15.34
CA LEU A 508 -22.95 -5.03 -15.52
C LEU A 508 -23.65 -4.86 -16.88
N LEU A 509 -24.88 -4.36 -16.85
CA LEU A 509 -25.66 -4.13 -18.06
C LEU A 509 -25.76 -2.60 -18.28
N ARG A 510 -24.58 -1.97 -18.55
CA ARG A 510 -24.24 -0.55 -18.84
C ARG A 510 -23.03 -0.08 -18.01
N HIS A 511 -22.09 0.64 -18.68
CA HIS A 511 -20.89 1.23 -18.09
C HIS A 511 -20.49 2.51 -18.82
N ASP A 512 -20.68 3.65 -18.16
CA ASP A 512 -20.30 4.95 -18.69
C ASP A 512 -19.14 5.50 -17.85
N SER A 513 -18.09 6.03 -18.52
CA SER A 513 -16.95 6.62 -17.82
C SER A 513 -17.32 8.01 -17.32
N GLY A 514 -16.93 8.31 -16.08
CA GLY A 514 -17.24 9.60 -15.47
C GLY A 514 -16.06 10.53 -15.32
N ASP A 515 -16.18 11.47 -14.37
CA ASP A 515 -15.19 12.48 -14.06
C ASP A 515 -14.05 11.95 -13.18
N GLN A 516 -12.90 12.65 -13.21
CA GLN A 516 -11.69 12.34 -12.45
C GLN A 516 -11.97 12.37 -10.95
N ASP A 517 -11.64 11.28 -10.23
CA ASP A 517 -11.92 11.08 -8.82
C ASP A 517 -11.54 12.26 -7.90
N ILE A 518 -10.32 12.80 -8.05
CA ILE A 518 -9.87 13.94 -7.24
C ILE A 518 -10.67 15.22 -7.55
N ASN A 519 -10.98 15.48 -8.83
CA ASN A 519 -11.75 16.66 -9.25
C ASN A 519 -13.21 16.63 -8.73
N VAL A 520 -13.80 15.41 -8.63
CA VAL A 520 -15.16 15.16 -8.12
C VAL A 520 -15.24 15.56 -6.64
N VAL A 521 -14.29 15.05 -5.81
CA VAL A 521 -14.22 15.31 -4.36
C VAL A 521 -13.82 16.79 -4.09
N SER A 522 -12.93 17.36 -4.92
CA SER A 522 -12.48 18.74 -4.79
C SER A 522 -13.62 19.79 -5.03
N THR A 523 -14.43 19.58 -6.08
CA THR A 523 -15.54 20.46 -6.47
C THR A 523 -16.63 20.44 -5.40
N TYR A 524 -16.91 19.24 -4.84
CA TYR A 524 -17.90 19.05 -3.80
C TYR A 524 -17.54 19.81 -2.53
N ILE A 525 -16.25 19.74 -2.10
CA ILE A 525 -15.71 20.42 -0.92
C ILE A 525 -15.80 21.94 -1.11
N SER A 526 -15.47 22.41 -2.33
CA SER A 526 -15.53 23.83 -2.73
C SER A 526 -16.97 24.37 -2.67
N LYS A 527 -17.96 23.56 -3.13
CA LYS A 527 -19.39 23.87 -3.14
C LYS A 527 -19.94 23.90 -1.72
N MET A 528 -19.53 22.91 -0.90
CA MET A 528 -19.98 22.83 0.49
C MET A 528 -19.32 23.88 1.40
N LYS A 529 -18.08 24.31 1.06
CA LYS A 529 -17.26 25.29 1.81
C LYS A 529 -16.78 24.72 3.16
N VAL A 530 -17.73 24.30 4.02
CA VAL A 530 -17.45 23.68 5.32
C VAL A 530 -18.09 22.28 5.29
N ILE A 531 -17.31 21.26 5.61
CA ILE A 531 -17.76 19.86 5.61
C ILE A 531 -17.63 19.26 7.00
N TYR A 532 -18.56 18.36 7.30
CA TYR A 532 -18.67 17.67 8.58
C TYR A 532 -19.27 16.25 8.41
N PRO A 533 -18.72 15.36 7.55
CA PRO A 533 -19.32 14.01 7.41
C PRO A 533 -19.32 13.21 8.72
N ALA A 534 -20.46 12.54 8.98
CA ALA A 534 -20.64 11.67 10.13
C ALA A 534 -20.70 10.18 9.70
N VAL A 535 -20.56 9.27 10.68
CA VAL A 535 -20.77 7.83 10.60
C VAL A 535 -22.24 7.76 11.04
N GLU A 536 -23.15 7.54 10.05
CA GLU A 536 -24.62 7.61 10.13
C GLU A 536 -25.40 6.31 10.29
N GLY A 537 -24.75 5.18 10.14
CA GLY A 537 -25.44 3.89 10.15
C GLY A 537 -25.72 3.34 8.76
N ARG A 538 -25.01 3.86 7.73
CA ARG A 538 -25.11 3.36 6.34
C ARG A 538 -24.65 1.88 6.33
N ILE A 539 -23.66 1.53 7.19
CA ILE A 539 -23.14 0.16 7.36
C ILE A 539 -23.29 -0.27 8.83
N LYS A 540 -24.05 -1.34 9.06
CA LYS A 540 -24.27 -1.86 10.41
C LYS A 540 -23.93 -3.34 10.52
N PHE A 541 -23.67 -3.81 11.76
CA PHE A 541 -23.34 -5.21 12.03
C PHE A 541 -24.35 -5.84 12.99
N SER A 542 -24.87 -7.04 12.64
CA SER A 542 -25.83 -7.78 13.44
C SER A 542 -25.15 -8.96 14.14
ZN ZN B . 1.84 -0.88 -0.49
ZN ZN C . 1.79 -3.51 -2.69
CA CA D . 22.41 -20.24 4.35
N1 O1T E . -5.40 -1.01 -5.64
N3 O1T E . -6.35 1.05 -9.56
C4 O1T E . -1.47 -2.86 -0.75
C5 O1T E . -6.90 -0.60 -3.72
C6 O1T E . -5.30 -0.56 -6.88
C7 O1T E . -6.30 0.41 -7.17
C8 O1T E . -7.02 0.51 -5.98
C10 O1T E . -7.79 2.14 -7.99
C13 O1T E . -4.22 2.14 -10.35
C15 O1T E . -2.42 3.63 -9.71
C17 O1T E . -3.74 4.12 -11.67
F O1T E . -2.04 5.58 -10.96
C18 O1T E . -4.49 2.98 -11.44
C16 O1T E . -2.73 4.42 -10.79
C14 O1T E . -3.18 2.49 -9.50
C12 O1T E . -5.01 0.86 -10.13
C19 O1T E . -5.17 0.05 -11.42
C11 O1T E . -6.75 1.24 -8.23
C9 O1T E . -8.42 2.10 -6.77
CL O1T E . -9.88 3.01 -6.55
N2 O1T E . -8.06 1.32 -5.75
N O1T E . -6.47 -0.34 -5.09
C1 O1T E . -7.77 -1.86 -3.56
O1 O1T E . -8.83 -1.65 -2.64
O8 O1T E . -5.81 -0.72 -2.81
C2 O1T E . -5.95 -1.94 -2.04
C O1T E . -6.75 -2.84 -2.97
O O1T E . -7.28 -3.93 -2.21
C3 O1T E . -4.61 -2.54 -1.71
O2 O1T E . -3.92 -1.72 -0.77
P O1T E . -2.89 -2.34 0.23
O7 O1T E . -3.46 -3.43 1.13
O6 O1T E . -2.40 -1.15 1.11
P1 O1T E . -0.91 -1.65 -1.97
O5 O1T E . -2.01 -1.01 -2.75
O4 O1T E . -0.13 -0.61 -1.16
O3 O1T E . 0.07 -2.37 -2.92
#